data_5Z5I
#
_entry.id   5Z5I
#
_cell.length_a   59.816
_cell.length_b   59.816
_cell.length_c   277.870
_cell.angle_alpha   90.000
_cell.angle_beta   90.000
_cell.angle_gamma   90.000
#
_symmetry.space_group_name_H-M   'P 43 21 2'
#
loop_
_entity.id
_entity.type
_entity.pdbx_description
1 polymer Beta-xylosidase
2 non-polymer 'CALCIUM ION'
3 non-polymer beta-L-arabinofuranose
4 non-polymer alpha-D-xylopyranose
5 non-polymer beta-D-xylopyranose
6 water water
#
_entity_poly.entity_id   1
_entity_poly.type   'polypeptide(L)'
_entity_poly.pdbx_seq_one_letter_code
;MEYSNPVIKGFYPDPSICRVGSDYYLVTSSFQYFPGVPIFHSTNLINWNKIGYCLIRPSQLMLNNATNRSGIFAPTLRYH
EGIFYLITTNVTLKKNFIVMSEDLQGEWSEPIWIDGWGGIDPSLFFDNDGKVYITGTNDNARGEELGIYQAEIDLKKGSI
IGERKLIWKGTGGSYPEAPHLYKVNGWYYLLIAEGGTEYGHMVTVARSKYPFGPFESCPFNPILTHRSTNHPLQAIGHAD
IVQYHDGSWWAVFHGTRPISYPPKHHLGRETCLAPIKWTDDGWPIIGYNGRIDIKMDAGYLPVKEKNIGDEIIEDDFNSD
IFSTDWNFIQNPRLEHYSLKGRPSWLKMRGTEKTLNDINSPTFIGRRQEHFVCNVSTLLEFKPNQDNEEAGLTVYMNEKH
HYEIALTKKNGRINVVLKKTVGDIQVVVNSLEYFSNTIIFSIQANPEEYKFSFVDPNTGQTYLLGTGLTTLLSTEVAGGF
TGVYFGLYATGNGKVCTAPAFFDWFKYIPEIKGELNSKLEGKPIPNPLLGLDSTRTGHHHHHH
;
_entity_poly.pdbx_strand_id   A
#
loop_
_chem_comp.id
_chem_comp.type
_chem_comp.name
_chem_comp.formula
CA non-polymer 'CALCIUM ION' 'Ca 2'
FUB L-saccharide, beta linking beta-L-arabinofuranose 'C5 H10 O5'
XYP D-saccharide, beta linking beta-D-xylopyranose 'C5 H10 O5'
XYS D-saccharide, alpha linking alpha-D-xylopyranose 'C5 H10 O5'
#
# COMPACT_ATOMS: atom_id res chain seq x y z
N MET A 1 -21.09 -16.57 13.19
CA MET A 1 -20.94 -15.47 12.19
C MET A 1 -19.56 -15.54 11.55
N GLU A 2 -19.48 -15.11 10.30
CA GLU A 2 -18.23 -15.21 9.52
C GLU A 2 -17.79 -13.87 8.93
N TYR A 3 -16.48 -13.75 8.66
CA TYR A 3 -15.96 -12.67 7.82
C TYR A 3 -15.02 -13.28 6.77
N SER A 4 -14.66 -12.48 5.76
CA SER A 4 -13.75 -12.89 4.70
CA SER A 4 -13.73 -12.92 4.74
C SER A 4 -12.42 -12.14 4.77
N ASN A 5 -11.33 -12.86 4.53
CA ASN A 5 -10.01 -12.29 4.34
C ASN A 5 -9.81 -12.17 2.84
N PRO A 6 -9.08 -11.15 2.36
CA PRO A 6 -8.56 -10.04 3.18
C PRO A 6 -9.68 -9.11 3.63
N VAL A 7 -9.48 -8.46 4.77
CA VAL A 7 -10.43 -7.49 5.28
C VAL A 7 -10.24 -6.09 4.66
N ILE A 8 -9.04 -5.79 4.18
CA ILE A 8 -8.79 -4.60 3.36
C ILE A 8 -8.12 -5.10 2.10
N LYS A 9 -8.86 -5.04 0.99
CA LYS A 9 -8.44 -5.65 -0.26
C LYS A 9 -7.60 -4.69 -1.11
N GLY A 10 -6.68 -5.26 -1.87
CA GLY A 10 -5.76 -4.48 -2.67
C GLY A 10 -4.50 -4.10 -1.90
N PHE A 11 -3.75 -3.17 -2.49
CA PHE A 11 -2.39 -2.84 -2.05
C PHE A 11 -2.36 -2.12 -0.68
N TYR A 12 -2.34 -2.93 0.38
CA TYR A 12 -2.39 -2.44 1.76
C TYR A 12 -1.51 -3.30 2.66
N PRO A 13 -0.18 -3.21 2.50
CA PRO A 13 0.75 -4.08 3.21
C PRO A 13 1.18 -3.57 4.58
N ASP A 14 1.81 -4.45 5.37
CA ASP A 14 2.45 -4.09 6.64
C ASP A 14 1.47 -3.40 7.60
N PRO A 15 0.26 -4.00 7.82
CA PRO A 15 -0.74 -3.31 8.66
C PRO A 15 -0.29 -3.19 10.12
N SER A 16 -0.47 -1.99 10.69
CA SER A 16 -0.25 -1.76 12.11
C SER A 16 -1.55 -1.19 12.65
N ILE A 17 -1.95 -1.69 13.82
CA ILE A 17 -3.24 -1.38 14.40
C ILE A 17 -3.09 -0.71 15.78
N CYS A 18 -4.07 0.14 16.10
CA CYS A 18 -4.06 0.86 17.35
C CYS A 18 -5.52 1.07 17.83
N ARG A 19 -5.80 0.63 19.06
CA ARG A 19 -7.11 0.81 19.70
C ARG A 19 -7.16 2.09 20.54
N VAL A 20 -8.25 2.85 20.42
CA VAL A 20 -8.52 4.00 21.32
C VAL A 20 -9.97 3.86 21.74
N GLY A 21 -10.19 3.53 23.01
CA GLY A 21 -11.56 3.27 23.50
C GLY A 21 -12.13 2.03 22.83
N SER A 22 -13.23 2.23 22.10
CA SER A 22 -13.91 1.15 21.37
CA SER A 22 -13.89 1.13 21.38
C SER A 22 -13.81 1.34 19.87
N ASP A 23 -12.81 2.12 19.44
CA ASP A 23 -12.54 2.39 18.03
C ASP A 23 -11.09 2.00 17.71
N TYR A 24 -10.86 1.70 16.43
CA TYR A 24 -9.60 1.06 15.97
C TYR A 24 -9.08 1.77 14.75
N TYR A 25 -7.76 1.91 14.68
CA TYR A 25 -7.14 2.64 13.60
C TYR A 25 -6.00 1.82 13.04
N LEU A 26 -5.85 1.87 11.71
CA LEU A 26 -4.88 1.01 11.05
C LEU A 26 -4.18 1.73 9.90
N VAL A 27 -2.88 1.48 9.77
CA VAL A 27 -2.03 2.11 8.76
C VAL A 27 -1.29 1.06 7.94
N THR A 28 -0.94 1.44 6.70
CA THR A 28 -0.21 0.53 5.79
C THR A 28 0.92 1.28 5.05
N SER A 29 1.86 0.53 4.49
CA SER A 29 2.99 1.11 3.73
C SER A 29 2.54 1.55 2.34
N SER A 30 3.24 2.54 1.79
CA SER A 30 2.84 3.15 0.52
C SER A 30 3.95 3.37 -0.51
N PHE A 31 5.22 3.13 -0.14
CA PHE A 31 6.34 3.15 -1.11
C PHE A 31 6.47 4.49 -1.79
N GLN A 32 6.40 4.51 -3.12
CA GLN A 32 6.59 5.76 -3.86
C GLN A 32 5.32 6.60 -4.05
N TYR A 33 4.18 6.13 -3.55
CA TYR A 33 2.91 6.83 -3.79
C TYR A 33 2.69 7.99 -2.83
N PHE A 34 2.07 9.05 -3.35
CA PHE A 34 1.78 10.27 -2.57
C PHE A 34 0.28 10.57 -2.70
N PRO A 35 -0.44 10.90 -1.63
CA PRO A 35 0.04 10.93 -0.24
C PRO A 35 0.38 9.54 0.29
N GLY A 36 1.09 9.52 1.41
CA GLY A 36 1.63 8.27 1.94
C GLY A 36 0.96 7.88 3.23
N VAL A 37 1.05 6.57 3.52
CA VAL A 37 0.49 5.94 4.73
C VAL A 37 -1.04 6.16 4.86
N PRO A 38 -1.82 5.37 4.11
CA PRO A 38 -3.27 5.35 4.32
C PRO A 38 -3.59 4.98 5.76
N ILE A 39 -4.62 5.62 6.29
CA ILE A 39 -5.08 5.32 7.63
C ILE A 39 -6.57 5.02 7.57
N PHE A 40 -6.95 3.99 8.30
CA PHE A 40 -8.32 3.45 8.31
C PHE A 40 -8.90 3.43 9.73
N HIS A 41 -10.22 3.41 9.80
CA HIS A 41 -10.96 3.33 11.05
C HIS A 41 -11.94 2.16 11.01
N SER A 42 -12.13 1.51 12.16
CA SER A 42 -13.09 0.43 12.27
C SER A 42 -13.64 0.40 13.69
N THR A 43 -14.84 -0.15 13.82
CA THR A 43 -15.38 -0.45 15.15
C THR A 43 -15.41 -1.96 15.42
N ASN A 44 -15.16 -2.80 14.40
CA ASN A 44 -15.34 -4.27 14.55
C ASN A 44 -14.16 -5.11 14.03
N LEU A 45 -13.08 -4.44 13.65
CA LEU A 45 -11.87 -5.10 13.09
C LEU A 45 -12.03 -5.67 11.68
N ILE A 46 -13.26 -5.73 11.16
CA ILE A 46 -13.54 -6.39 9.86
C ILE A 46 -13.77 -5.38 8.76
N ASN A 47 -14.57 -4.36 9.09
CA ASN A 47 -15.00 -3.37 8.13
C ASN A 47 -14.23 -2.10 8.40
N TRP A 48 -13.43 -1.70 7.42
CA TRP A 48 -12.52 -0.57 7.57
C TRP A 48 -12.88 0.53 6.60
N ASN A 49 -12.92 1.76 7.11
CA ASN A 49 -13.14 2.93 6.24
CA ASN A 49 -13.15 2.94 6.25
C ASN A 49 -11.90 3.81 6.20
N LYS A 50 -11.46 4.16 4.98
CA LYS A 50 -10.25 4.99 4.85
C LYS A 50 -10.57 6.41 5.31
N ILE A 51 -9.82 6.89 6.27
CA ILE A 51 -10.06 8.24 6.77
C ILE A 51 -9.23 9.27 6.01
N GLY A 52 -8.11 8.82 5.46
CA GLY A 52 -7.21 9.63 4.66
C GLY A 52 -5.80 9.07 4.71
N TYR A 53 -4.84 9.98 4.75
CA TYR A 53 -3.42 9.64 4.76
C TYR A 53 -2.68 10.37 5.86
N CYS A 54 -1.54 9.81 6.29
CA CYS A 54 -0.74 10.43 7.35
C CYS A 54 0.30 11.42 6.85
N LEU A 55 0.85 11.16 5.66
CA LEU A 55 1.94 11.95 5.12
C LEU A 55 1.44 12.65 3.86
N ILE A 56 1.14 13.94 3.98
CA ILE A 56 0.41 14.67 2.94
C ILE A 56 1.11 15.94 2.46
N ARG A 57 2.21 16.29 3.14
CA ARG A 57 3.01 17.48 2.80
C ARG A 57 4.40 17.06 2.36
N PRO A 58 4.98 17.76 1.36
CA PRO A 58 6.33 17.45 0.89
C PRO A 58 7.40 17.37 1.98
N SER A 59 7.29 18.19 3.03
CA SER A 59 8.18 18.12 4.19
C SER A 59 8.12 16.77 4.94
N GLN A 60 6.95 16.14 4.94
CA GLN A 60 6.77 14.84 5.59
C GLN A 60 7.17 13.67 4.68
N LEU A 61 7.21 13.91 3.38
CA LEU A 61 7.24 12.82 2.41
C LEU A 61 8.04 13.23 1.17
N MET A 62 9.35 13.06 1.27
CA MET A 62 10.28 13.39 0.21
C MET A 62 10.49 12.16 -0.66
N LEU A 63 9.88 12.17 -1.86
CA LEU A 63 9.92 10.98 -2.72
C LEU A 63 10.68 11.13 -4.04
N ASN A 64 11.44 12.21 -4.21
CA ASN A 64 12.33 12.27 -5.37
C ASN A 64 13.20 11.00 -5.41
N ASN A 65 13.28 10.38 -6.59
CA ASN A 65 14.03 9.14 -6.84
C ASN A 65 13.44 7.87 -6.21
N ALA A 66 12.30 7.98 -5.55
CA ALA A 66 11.61 6.79 -5.04
C ALA A 66 10.95 6.00 -6.14
N THR A 67 10.93 4.68 -5.97
CA THR A 67 10.31 3.73 -6.90
C THR A 67 9.49 2.75 -6.08
N ASN A 68 8.81 1.80 -6.77
CA ASN A 68 8.05 0.76 -6.07
C ASN A 68 8.95 -0.22 -5.30
N ARG A 69 10.28 0.01 -5.32
CA ARG A 69 11.25 -0.73 -4.51
C ARG A 69 11.70 0.08 -3.29
N SER A 70 11.25 1.34 -3.18
CA SER A 70 11.73 2.23 -2.13
C SER A 70 10.61 3.11 -1.55
N GLY A 71 10.93 4.36 -1.19
CA GLY A 71 9.99 5.24 -0.48
C GLY A 71 9.62 4.71 0.90
N ILE A 72 8.35 4.82 1.24
CA ILE A 72 7.86 4.50 2.59
C ILE A 72 7.64 3.00 2.78
N PHE A 73 8.39 2.42 3.72
CA PHE A 73 8.23 1.03 4.12
C PHE A 73 7.24 0.91 5.31
N ALA A 74 7.29 -0.19 6.06
CA ALA A 74 6.26 -0.45 7.09
C ALA A 74 6.13 0.70 8.08
N PRO A 75 4.88 1.17 8.32
CA PRO A 75 4.64 2.16 9.38
C PRO A 75 4.02 1.49 10.62
N THR A 76 4.30 2.02 11.81
CA THR A 76 3.65 1.55 13.03
C THR A 76 2.89 2.69 13.67
N LEU A 77 1.66 2.38 14.11
CA LEU A 77 0.78 3.37 14.73
C LEU A 77 0.55 3.04 16.21
N ARG A 78 0.79 4.02 17.08
CA ARG A 78 0.61 3.85 18.53
C ARG A 78 -0.10 5.07 19.11
N TYR A 79 -0.71 4.90 20.29
CA TYR A 79 -1.43 5.99 20.94
C TYR A 79 -1.03 5.99 22.40
N HIS A 80 -0.78 7.19 22.92
CA HIS A 80 -0.48 7.33 24.33
C HIS A 80 -0.93 8.67 24.83
N GLU A 81 -1.79 8.63 25.86
CA GLU A 81 -2.21 9.85 26.56
C GLU A 81 -2.67 10.94 25.60
N GLY A 82 -3.56 10.55 24.67
CA GLY A 82 -4.16 11.52 23.75
C GLY A 82 -3.36 11.83 22.50
N ILE A 83 -2.15 11.28 22.38
CA ILE A 83 -1.32 11.52 21.17
C ILE A 83 -1.11 10.25 20.35
N PHE A 84 -1.37 10.36 19.05
CA PHE A 84 -1.02 9.32 18.07
C PHE A 84 0.40 9.53 17.57
N TYR A 85 1.14 8.42 17.48
CA TYR A 85 2.50 8.42 16.94
C TYR A 85 2.54 7.47 15.77
N LEU A 86 3.03 7.98 14.64
CA LEU A 86 3.27 7.16 13.47
C LEU A 86 4.76 7.15 13.24
N ILE A 87 5.35 5.95 13.23
CA ILE A 87 6.79 5.80 13.03
C ILE A 87 7.06 4.94 11.81
N THR A 88 7.97 5.38 10.95
CA THR A 88 8.22 4.65 9.69
C THR A 88 9.60 4.99 9.12
N THR A 89 9.96 4.34 8.00
CA THR A 89 11.22 4.57 7.32
C THR A 89 10.96 5.11 5.91
N ASN A 90 11.66 6.19 5.55
CA ASN A 90 11.74 6.55 4.15
C ASN A 90 13.05 5.94 3.67
N VAL A 91 12.94 4.82 2.94
CA VAL A 91 14.10 4.05 2.48
C VAL A 91 14.91 4.83 1.43
N THR A 92 14.26 5.74 0.70
CA THR A 92 14.97 6.58 -0.29
C THR A 92 15.90 7.56 0.41
N LEU A 93 15.42 8.14 1.51
CA LEU A 93 16.24 9.01 2.37
C LEU A 93 17.19 8.24 3.29
N LYS A 94 16.88 6.96 3.51
CA LYS A 94 17.53 6.09 4.51
C LYS A 94 17.38 6.69 5.92
N LYS A 95 16.16 7.10 6.24
CA LYS A 95 15.89 7.76 7.52
C LYS A 95 14.62 7.23 8.15
N ASN A 96 14.67 7.05 9.48
CA ASN A 96 13.49 6.77 10.30
C ASN A 96 13.00 8.01 10.98
N PHE A 97 11.68 8.14 11.09
CA PHE A 97 11.07 9.34 11.67
C PHE A 97 9.71 9.05 12.28
N ILE A 98 9.27 9.99 13.12
CA ILE A 98 7.95 9.96 13.74
C ILE A 98 7.16 11.18 13.30
N VAL A 99 5.89 11.00 12.99
CA VAL A 99 4.94 12.14 13.00
C VAL A 99 3.87 11.94 14.08
N MET A 100 3.33 13.06 14.60
CA MET A 100 2.39 13.05 15.73
CA MET A 100 2.39 13.05 15.73
C MET A 100 1.06 13.73 15.42
N SER A 101 0.02 13.31 16.12
CA SER A 101 -1.30 13.88 15.96
C SER A 101 -2.11 13.74 17.22
N GLU A 102 -2.88 14.78 17.54
CA GLU A 102 -3.88 14.69 18.62
C GLU A 102 -5.29 14.54 18.05
N ASP A 103 -5.38 14.49 16.72
CA ASP A 103 -6.68 14.44 16.04
C ASP A 103 -6.51 13.92 14.63
N LEU A 104 -6.96 12.69 14.41
CA LEU A 104 -6.80 12.02 13.09
C LEU A 104 -7.58 12.68 11.96
N GLN A 105 -8.57 13.50 12.31
CA GLN A 105 -9.30 14.29 11.33
C GLN A 105 -8.53 15.53 10.86
N GLY A 106 -7.50 15.94 11.59
CA GLY A 106 -6.58 16.98 11.15
C GLY A 106 -5.30 16.42 10.60
N GLU A 107 -4.31 17.27 10.37
CA GLU A 107 -3.03 16.85 9.80
C GLU A 107 -2.05 16.41 10.87
N TRP A 108 -1.03 15.67 10.44
CA TRP A 108 0.03 15.24 11.33
C TRP A 108 1.14 16.27 11.39
N SER A 109 1.97 16.15 12.43
CA SER A 109 3.12 17.06 12.63
C SER A 109 4.19 16.96 11.53
N GLU A 110 5.10 17.92 11.56
CA GLU A 110 6.37 17.77 10.87
C GLU A 110 7.10 16.53 11.40
N PRO A 111 7.98 15.92 10.58
CA PRO A 111 8.75 14.77 11.08
C PRO A 111 9.68 15.10 12.23
N ILE A 112 9.72 14.17 13.17
CA ILE A 112 10.74 14.14 14.21
C ILE A 112 11.68 13.04 13.78
N TRP A 113 12.88 13.44 13.32
CA TRP A 113 13.82 12.50 12.73
C TRP A 113 14.58 11.80 13.83
N ILE A 114 14.73 10.48 13.74
CA ILE A 114 15.39 9.73 14.81
C ILE A 114 16.83 9.51 14.39
N ASP A 115 17.70 10.44 14.77
CA ASP A 115 19.08 10.43 14.29
C ASP A 115 19.82 9.20 14.81
N GLY A 116 20.53 8.54 13.90
CA GLY A 116 21.34 7.37 14.25
C GLY A 116 20.58 6.07 14.42
N TRP A 117 19.24 6.10 14.25
CA TRP A 117 18.41 4.86 14.33
C TRP A 117 18.17 4.35 12.90
N GLY A 118 18.88 3.29 12.53
CA GLY A 118 18.80 2.73 11.19
C GLY A 118 17.86 1.56 11.11
N GLY A 119 17.94 0.85 9.98
CA GLY A 119 17.10 -0.31 9.70
C GLY A 119 15.73 0.11 9.23
N ILE A 120 14.90 -0.87 8.95
CA ILE A 120 13.50 -0.64 8.61
C ILE A 120 12.60 -1.08 9.77
N ASP A 121 11.29 -0.98 9.58
CA ASP A 121 10.30 -1.51 10.54
C ASP A 121 10.45 -1.00 11.98
N PRO A 122 10.66 0.33 12.17
CA PRO A 122 10.68 0.85 13.55
C PRO A 122 9.33 0.69 14.22
N SER A 123 9.37 0.41 15.52
CA SER A 123 8.13 0.29 16.28
C SER A 123 8.26 0.98 17.63
N LEU A 124 7.12 1.36 18.20
CA LEU A 124 7.09 1.95 19.54
C LEU A 124 6.26 1.13 20.47
N PHE A 125 6.72 1.03 21.73
CA PHE A 125 5.94 0.38 22.80
C PHE A 125 5.97 1.26 24.05
N PHE A 126 4.79 1.57 24.58
CA PHE A 126 4.63 2.35 25.81
C PHE A 126 4.41 1.41 26.97
N ASP A 127 5.48 1.22 27.75
CA ASP A 127 5.44 0.30 28.87
C ASP A 127 4.60 0.86 30.01
N ASN A 128 4.10 -0.05 30.86
CA ASN A 128 3.11 0.27 31.90
C ASN A 128 3.70 1.17 32.97
N ASP A 129 5.03 1.16 33.06
CA ASP A 129 5.79 2.00 34.00
C ASP A 129 6.14 3.39 33.47
N GLY A 130 5.66 3.70 32.26
CA GLY A 130 5.94 5.01 31.65
C GLY A 130 7.13 5.06 30.70
N LYS A 131 7.94 4.01 30.67
CA LYS A 131 9.11 3.96 29.80
C LYS A 131 8.65 3.68 28.36
N VAL A 132 9.38 4.23 27.39
CA VAL A 132 9.02 4.10 25.95
C VAL A 132 10.17 3.44 25.23
N TYR A 133 9.86 2.40 24.45
CA TYR A 133 10.90 1.69 23.71
C TYR A 133 10.70 1.76 22.21
N ILE A 134 11.80 2.04 21.51
CA ILE A 134 11.91 1.86 20.05
C ILE A 134 12.55 0.51 19.73
N THR A 135 11.92 -0.21 18.80
CA THR A 135 12.41 -1.53 18.36
C THR A 135 12.48 -1.50 16.84
N GLY A 136 13.49 -2.15 16.27
CA GLY A 136 13.70 -2.08 14.82
C GLY A 136 14.63 -3.18 14.35
N THR A 137 15.17 -3.00 13.16
CA THR A 137 15.99 -4.06 12.55
C THR A 137 17.42 -3.58 12.36
N ASN A 138 18.26 -4.53 11.97
CA ASN A 138 19.64 -4.24 11.62
C ASN A 138 19.74 -3.14 10.55
N ASP A 139 20.79 -2.33 10.67
CA ASP A 139 21.06 -1.25 9.75
C ASP A 139 21.96 -1.78 8.62
N ASN A 140 21.38 -1.90 7.42
CA ASN A 140 22.10 -2.35 6.21
C ASN A 140 23.24 -1.45 5.80
N ALA A 141 23.06 -0.14 5.94
CA ALA A 141 24.08 0.84 5.52
C ALA A 141 25.40 0.57 6.27
N ARG A 142 25.28 0.40 7.58
CA ARG A 142 26.36 -0.01 8.48
C ARG A 142 26.86 -1.42 8.12
N GLY A 143 25.94 -2.37 7.98
CA GLY A 143 26.29 -3.77 7.79
C GLY A 143 26.30 -4.53 9.11
N GLU A 144 25.24 -4.31 9.89
CA GLU A 144 25.01 -4.97 11.16
C GLU A 144 24.55 -6.44 11.03
N GLU A 145 24.74 -7.19 12.10
CA GLU A 145 24.19 -8.54 12.25
C GLU A 145 22.69 -8.50 12.12
N LEU A 146 22.14 -9.38 11.28
CA LEU A 146 20.68 -9.51 11.14
C LEU A 146 20.01 -9.74 12.48
N GLY A 147 18.92 -9.03 12.73
CA GLY A 147 18.22 -9.20 13.99
C GLY A 147 17.41 -8.01 14.43
N ILE A 148 16.89 -8.10 15.65
CA ILE A 148 15.98 -7.09 16.21
C ILE A 148 16.74 -6.30 17.27
N TYR A 149 16.66 -4.97 17.14
CA TYR A 149 17.43 -4.07 17.98
C TYR A 149 16.46 -3.15 18.71
N GLN A 150 16.83 -2.71 19.91
CA GLN A 150 15.93 -1.97 20.79
C GLN A 150 16.69 -0.98 21.66
N ALA A 151 16.01 0.14 21.98
CA ALA A 151 16.52 1.11 22.95
C ALA A 151 15.34 1.85 23.56
N GLU A 152 15.60 2.48 24.71
CA GLU A 152 14.68 3.48 25.25
C GLU A 152 14.72 4.75 24.38
N ILE A 153 13.57 5.42 24.24
CA ILE A 153 13.50 6.62 23.41
C ILE A 153 12.87 7.81 24.15
N ASP A 154 13.45 9.00 23.93
CA ASP A 154 12.84 10.27 24.31
C ASP A 154 12.07 10.82 23.11
N LEU A 155 10.75 10.79 23.22
CA LEU A 155 9.86 11.11 22.08
C LEU A 155 9.82 12.56 21.60
N LYS A 156 10.08 13.49 22.50
CA LYS A 156 10.12 14.92 22.19
C LYS A 156 11.32 15.24 21.32
N LYS A 157 12.48 14.71 21.72
CA LYS A 157 13.76 15.02 21.12
C LYS A 157 14.00 14.15 19.88
N GLY A 158 13.33 13.00 19.84
CA GLY A 158 13.59 11.98 18.83
C GLY A 158 14.98 11.42 19.02
N SER A 159 15.36 11.19 20.26
CA SER A 159 16.68 10.65 20.52
C SER A 159 16.64 9.46 21.44
N ILE A 160 17.60 8.58 21.22
CA ILE A 160 17.76 7.37 21.99
C ILE A 160 18.21 7.74 23.40
N ILE A 161 17.68 7.01 24.39
CA ILE A 161 18.11 7.09 25.79
C ILE A 161 18.89 5.82 26.10
N GLY A 162 20.13 5.96 26.58
CA GLY A 162 20.94 4.80 26.91
C GLY A 162 21.35 4.04 25.67
N GLU A 163 21.48 2.71 25.79
CA GLU A 163 22.11 1.89 24.76
C GLU A 163 21.13 1.14 23.85
N ARG A 164 21.55 0.99 22.59
CA ARG A 164 20.85 0.22 21.57
C ARG A 164 21.37 -1.21 21.72
N LYS A 165 20.46 -2.17 21.88
CA LYS A 165 20.84 -3.55 22.12
C LYS A 165 20.18 -4.51 21.13
N LEU A 166 20.95 -5.50 20.66
CA LEU A 166 20.36 -6.62 19.92
C LEU A 166 19.58 -7.46 20.92
N ILE A 167 18.28 -7.65 20.66
CA ILE A 167 17.44 -8.39 21.63
C ILE A 167 17.06 -9.80 21.18
N TRP A 168 17.05 -10.02 19.86
CA TRP A 168 16.70 -11.36 19.32
C TRP A 168 17.12 -11.48 17.88
N LYS A 169 17.66 -12.64 17.51
CA LYS A 169 18.00 -12.90 16.12
C LYS A 169 16.87 -13.60 15.38
N GLY A 170 15.81 -13.93 16.11
CA GLY A 170 14.74 -14.74 15.54
C GLY A 170 15.07 -16.21 15.57
N THR A 171 14.23 -17.00 14.90
CA THR A 171 14.36 -18.47 14.93
C THR A 171 15.39 -18.99 13.95
N GLY A 172 15.83 -18.13 13.03
CA GLY A 172 16.78 -18.54 11.99
C GLY A 172 16.30 -18.32 10.56
N GLY A 173 15.04 -17.90 10.40
CA GLY A 173 14.56 -17.50 9.06
C GLY A 173 15.30 -16.26 8.61
N SER A 174 15.28 -15.99 7.29
CA SER A 174 15.89 -14.79 6.74
C SER A 174 15.15 -13.52 7.21
N TYR A 175 15.79 -12.37 7.04
CA TYR A 175 15.13 -11.06 7.24
C TYR A 175 14.26 -10.97 8.52
N PRO A 176 14.86 -11.22 9.71
CA PRO A 176 14.06 -11.01 10.93
C PRO A 176 13.65 -9.51 11.01
N GLU A 177 12.35 -9.27 11.03
CA GLU A 177 11.85 -7.90 10.84
C GLU A 177 10.48 -7.71 11.48
N ALA A 178 9.81 -6.58 11.19
CA ALA A 178 8.46 -6.33 11.69
C ALA A 178 8.35 -6.47 13.22
N PRO A 179 9.40 -6.08 13.99
CA PRO A 179 9.28 -6.36 15.43
C PRO A 179 8.23 -5.47 16.13
N HIS A 180 7.42 -6.08 16.99
CA HIS A 180 6.60 -5.33 17.93
C HIS A 180 6.76 -5.94 19.31
N LEU A 181 6.89 -5.07 20.32
CA LEU A 181 7.00 -5.49 21.71
C LEU A 181 5.67 -5.25 22.40
N TYR A 182 5.23 -6.25 23.16
CA TYR A 182 3.99 -6.13 23.96
C TYR A 182 4.22 -6.64 25.36
N LYS A 183 3.38 -6.23 26.32
CA LYS A 183 3.42 -6.80 27.66
C LYS A 183 2.04 -7.31 27.99
N VAL A 184 1.94 -8.63 28.19
CA VAL A 184 0.68 -9.31 28.49
C VAL A 184 0.92 -10.25 29.66
N ASN A 185 0.09 -10.10 30.70
CA ASN A 185 0.09 -10.97 31.90
C ASN A 185 1.49 -11.17 32.50
N GLY A 186 2.24 -10.07 32.60
CA GLY A 186 3.57 -10.13 33.19
C GLY A 186 4.70 -10.60 32.30
N TRP A 187 4.40 -10.91 31.03
CA TRP A 187 5.45 -11.28 30.09
C TRP A 187 5.57 -10.24 28.99
N TYR A 188 6.81 -9.93 28.62
CA TYR A 188 7.06 -9.22 27.35
C TYR A 188 7.05 -10.23 26.19
N TYR A 189 6.26 -9.94 25.16
CA TYR A 189 6.26 -10.73 23.92
C TYR A 189 6.88 -9.91 22.80
N LEU A 190 7.80 -10.52 22.07
CA LEU A 190 8.41 -9.89 20.90
C LEU A 190 7.91 -10.66 19.70
N LEU A 191 7.10 -9.99 18.89
CA LEU A 191 6.49 -10.61 17.73
C LEU A 191 7.23 -10.12 16.50
N ILE A 192 7.65 -11.02 15.62
CA ILE A 192 8.42 -10.61 14.43
C ILE A 192 7.95 -11.33 13.17
N ALA A 193 8.49 -10.89 12.03
CA ALA A 193 8.35 -11.66 10.78
C ALA A 193 9.70 -12.24 10.43
N GLU A 194 9.68 -13.43 9.80
CA GLU A 194 10.89 -14.01 9.23
C GLU A 194 10.57 -14.61 7.87
N GLY A 195 11.62 -14.92 7.09
CA GLY A 195 11.46 -15.70 5.86
C GLY A 195 11.34 -14.84 4.62
N GLY A 196 11.28 -13.52 4.82
CA GLY A 196 11.03 -12.59 3.71
C GLY A 196 9.54 -12.48 3.42
N THR A 197 9.14 -11.33 2.88
CA THR A 197 7.71 -11.08 2.61
C THR A 197 7.16 -11.74 1.33
N GLU A 198 7.71 -12.91 0.98
CA GLU A 198 7.26 -13.70 -0.18
C GLU A 198 6.87 -15.07 0.32
N TYR A 199 7.08 -16.14 -0.47
CA TYR A 199 6.49 -17.45 -0.14
C TYR A 199 7.02 -18.11 1.15
N GLY A 200 8.13 -17.61 1.66
CA GLY A 200 8.69 -18.11 2.90
C GLY A 200 8.26 -17.32 4.14
N HIS A 201 7.39 -16.33 3.96
CA HIS A 201 6.95 -15.47 5.09
C HIS A 201 6.34 -16.26 6.26
N MET A 202 6.70 -15.87 7.47
CA MET A 202 6.13 -16.44 8.70
C MET A 202 6.20 -15.45 9.85
N VAL A 203 5.35 -15.70 10.84
CA VAL A 203 5.31 -14.94 12.09
C VAL A 203 5.90 -15.82 13.17
N THR A 204 6.85 -15.25 13.93
CA THR A 204 7.45 -15.94 15.09
C THR A 204 7.37 -15.06 16.31
N VAL A 205 7.43 -15.67 17.50
CA VAL A 205 7.31 -14.92 18.73
C VAL A 205 8.28 -15.44 19.80
N ALA A 206 8.75 -14.53 20.64
CA ALA A 206 9.62 -14.89 21.76
C ALA A 206 9.11 -14.14 22.98
N ARG A 207 9.51 -14.58 24.17
CA ARG A 207 9.09 -13.87 25.38
C ARG A 207 10.20 -13.76 26.42
N SER A 208 10.04 -12.78 27.31
CA SER A 208 10.98 -12.55 28.41
C SER A 208 10.29 -11.89 29.56
N LYS A 209 10.86 -12.03 30.76
CA LYS A 209 10.35 -11.26 31.91
C LYS A 209 10.81 -9.80 31.87
N TYR A 210 11.81 -9.52 31.03
CA TYR A 210 12.44 -8.20 30.92
C TYR A 210 12.31 -7.67 29.50
N PRO A 211 12.14 -6.34 29.33
CA PRO A 211 11.93 -5.79 27.97
C PRO A 211 13.12 -6.01 27.01
N PHE A 212 14.34 -6.11 27.55
CA PHE A 212 15.53 -6.36 26.73
C PHE A 212 16.01 -7.83 26.74
N GLY A 213 15.21 -8.71 27.32
CA GLY A 213 15.54 -10.14 27.28
C GLY A 213 16.36 -10.64 28.49
N PRO A 214 16.92 -11.86 28.42
CA PRO A 214 16.92 -12.72 27.23
C PRO A 214 15.55 -13.22 26.78
N PHE A 215 15.37 -13.31 25.46
CA PHE A 215 14.11 -13.80 24.89
C PHE A 215 14.17 -15.29 24.58
N GLU A 216 13.13 -16.02 24.98
CA GLU A 216 12.96 -17.43 24.68
C GLU A 216 12.04 -17.56 23.48
N SER A 217 12.49 -18.34 22.48
CA SER A 217 11.69 -18.62 21.29
C SER A 217 10.50 -19.51 21.66
N CYS A 218 9.32 -19.16 21.15
CA CYS A 218 8.14 -20.01 21.30
C CYS A 218 8.43 -21.43 20.78
N PRO A 219 8.12 -22.48 21.60
CA PRO A 219 8.45 -23.85 21.17
C PRO A 219 7.68 -24.33 19.94
N PHE A 220 6.56 -23.69 19.62
CA PHE A 220 5.85 -24.05 18.40
C PHE A 220 5.94 -22.99 17.30
N ASN A 221 7.01 -22.19 17.31
CA ASN A 221 7.32 -21.29 16.18
C ASN A 221 7.46 -22.11 14.88
N PRO A 222 7.01 -21.59 13.74
CA PRO A 222 6.32 -20.29 13.61
C PRO A 222 4.87 -20.39 14.01
N ILE A 223 4.35 -19.31 14.59
CA ILE A 223 2.95 -19.25 15.04
C ILE A 223 1.94 -18.91 13.92
N LEU A 224 2.43 -18.48 12.74
CA LEU A 224 1.57 -18.24 11.58
C LEU A 224 2.39 -18.30 10.31
N THR A 225 1.99 -19.19 9.40
CA THR A 225 2.65 -19.25 8.10
C THR A 225 1.86 -20.11 7.16
N HIS A 226 1.95 -19.75 5.87
CA HIS A 226 1.45 -20.62 4.81
C HIS A 226 2.58 -21.15 3.94
N ARG A 227 3.82 -21.06 4.43
CA ARG A 227 4.96 -21.58 3.66
C ARG A 227 4.73 -23.08 3.45
N SER A 228 5.14 -23.56 2.28
CA SER A 228 5.05 -24.99 1.96
C SER A 228 3.60 -25.51 1.90
N THR A 229 2.62 -24.64 1.66
CA THR A 229 1.20 -25.03 1.51
C THR A 229 0.74 -24.49 0.16
N ASN A 230 -0.38 -24.98 -0.40
CA ASN A 230 -0.89 -24.35 -1.65
C ASN A 230 -2.15 -23.51 -1.43
N HIS A 231 -2.32 -23.03 -0.21
CA HIS A 231 -3.48 -22.21 0.17
C HIS A 231 -3.65 -20.98 -0.73
N PRO A 232 -4.91 -20.48 -0.94
CA PRO A 232 -5.08 -19.30 -1.82
C PRO A 232 -4.47 -18.01 -1.26
N LEU A 233 -4.31 -17.96 0.06
CA LEU A 233 -3.59 -16.87 0.75
C LEU A 233 -2.14 -17.27 0.98
N GLN A 234 -1.21 -16.45 0.51
CA GLN A 234 0.22 -16.77 0.61
C GLN A 234 1.00 -15.61 1.22
N ALA A 235 2.28 -15.85 1.52
CA ALA A 235 3.18 -14.78 1.97
C ALA A 235 2.65 -14.05 3.21
N ILE A 236 2.11 -14.85 4.14
CA ILE A 236 1.42 -14.26 5.29
C ILE A 236 2.39 -13.86 6.41
N GLY A 237 2.20 -12.63 6.90
CA GLY A 237 2.96 -12.20 8.09
C GLY A 237 3.01 -10.71 8.23
N HIS A 238 4.01 -10.20 8.97
CA HIS A 238 4.05 -8.77 9.37
C HIS A 238 2.80 -8.43 10.21
N ALA A 239 2.71 -9.11 11.35
CA ALA A 239 1.51 -9.06 12.19
C ALA A 239 1.63 -8.02 13.29
N ASP A 240 0.46 -7.50 13.72
CA ASP A 240 0.35 -6.57 14.85
C ASP A 240 -0.89 -7.02 15.63
N ILE A 241 -0.77 -7.07 16.96
CA ILE A 241 -1.80 -7.61 17.85
C ILE A 241 -2.65 -6.51 18.50
N VAL A 242 -3.94 -6.79 18.66
CA VAL A 242 -4.84 -5.89 19.35
C VAL A 242 -5.73 -6.70 20.30
N GLN A 243 -6.07 -6.12 21.44
CA GLN A 243 -7.13 -6.70 22.27
C GLN A 243 -8.39 -5.89 22.00
N TYR A 244 -9.41 -6.55 21.44
CA TYR A 244 -10.74 -5.94 21.24
C TYR A 244 -11.36 -5.60 22.59
N HIS A 245 -12.30 -4.66 22.59
CA HIS A 245 -12.91 -4.15 23.85
C HIS A 245 -13.83 -5.15 24.59
N ASP A 246 -14.11 -6.29 23.96
CA ASP A 246 -14.76 -7.43 24.65
C ASP A 246 -13.75 -8.38 25.34
N GLY A 247 -12.46 -8.03 25.23
CA GLY A 247 -11.37 -8.82 25.82
C GLY A 247 -10.69 -9.86 24.95
N SER A 248 -11.27 -10.16 23.78
CA SER A 248 -10.71 -11.14 22.86
C SER A 248 -9.52 -10.54 22.11
N TRP A 249 -8.60 -11.41 21.70
CA TRP A 249 -7.34 -10.97 21.07
C TRP A 249 -7.35 -11.28 19.59
N TRP A 250 -6.78 -10.38 18.80
CA TRP A 250 -6.78 -10.53 17.34
C TRP A 250 -5.43 -10.05 16.79
N ALA A 251 -5.08 -10.55 15.60
CA ALA A 251 -3.91 -10.05 14.88
C ALA A 251 -4.32 -9.57 13.50
N VAL A 252 -3.76 -8.44 13.07
CA VAL A 252 -3.79 -8.09 11.63
C VAL A 252 -2.44 -8.42 11.03
N PHE A 253 -2.41 -8.67 9.72
CA PHE A 253 -1.18 -9.07 9.04
C PHE A 253 -1.49 -8.98 7.56
N HIS A 254 -0.48 -9.09 6.70
CA HIS A 254 -0.80 -9.10 5.27
C HIS A 254 -0.64 -10.48 4.65
N GLY A 255 -1.24 -10.63 3.49
CA GLY A 255 -1.07 -11.85 2.69
C GLY A 255 -1.35 -11.54 1.22
N THR A 256 -1.04 -12.46 0.34
CA THR A 256 -1.33 -12.26 -1.08
C THR A 256 -2.36 -13.26 -1.55
N ARG A 257 -2.96 -12.96 -2.71
CA ARG A 257 -3.88 -13.85 -3.39
C ARG A 257 -3.30 -14.15 -4.78
N PRO A 258 -2.32 -15.06 -4.85
CA PRO A 258 -1.72 -15.34 -6.16
C PRO A 258 -2.60 -16.24 -7.03
N ILE A 259 -2.33 -16.16 -8.33
CA ILE A 259 -3.03 -16.94 -9.33
C ILE A 259 -1.98 -17.53 -10.26
N SER A 260 -2.41 -18.42 -11.16
CA SER A 260 -1.47 -19.02 -12.12
C SER A 260 -0.46 -19.97 -11.45
N TYR A 261 0.46 -20.50 -12.25
CA TYR A 261 1.50 -21.38 -11.74
C TYR A 261 2.78 -21.12 -12.55
N PRO A 262 3.93 -20.88 -11.92
CA PRO A 262 4.11 -20.61 -10.48
C PRO A 262 3.25 -19.40 -10.03
N PRO A 263 2.94 -19.34 -8.72
CA PRO A 263 2.03 -18.30 -8.22
C PRO A 263 2.52 -16.87 -8.49
N LYS A 264 1.57 -16.01 -8.91
CA LYS A 264 1.86 -14.61 -9.23
C LYS A 264 0.73 -13.74 -8.73
N HIS A 265 1.06 -12.64 -8.07
CA HIS A 265 0.03 -11.77 -7.53
C HIS A 265 0.16 -10.35 -8.05
N HIS A 266 -0.97 -9.73 -8.33
CA HIS A 266 -1.04 -8.37 -8.91
C HIS A 266 -1.86 -7.36 -8.10
N LEU A 267 -2.53 -7.83 -7.04
CA LEU A 267 -3.32 -6.93 -6.17
C LEU A 267 -2.55 -6.41 -4.95
N GLY A 268 -1.26 -6.69 -4.95
CA GLY A 268 -0.37 -6.34 -3.83
C GLY A 268 -0.61 -7.23 -2.63
N ARG A 269 0.03 -6.85 -1.52
CA ARG A 269 -0.20 -7.54 -0.25
C ARG A 269 -1.37 -6.86 0.44
N GLU A 270 -2.29 -7.67 0.95
CA GLU A 270 -3.62 -7.20 1.40
C GLU A 270 -3.77 -7.48 2.88
N THR A 271 -4.54 -6.66 3.59
CA THR A 271 -4.62 -6.74 5.06
C THR A 271 -5.63 -7.79 5.47
N CYS A 272 -5.20 -8.71 6.34
CA CYS A 272 -6.03 -9.82 6.81
C CYS A 272 -6.17 -9.78 8.33
N LEU A 273 -7.11 -10.58 8.84
CA LEU A 273 -7.45 -10.61 10.27
C LEU A 273 -7.55 -12.06 10.75
N ALA A 274 -7.00 -12.35 11.93
CA ALA A 274 -7.18 -13.68 12.53
C ALA A 274 -7.26 -13.60 14.06
N PRO A 275 -8.04 -14.51 14.68
CA PRO A 275 -8.09 -14.51 16.14
C PRO A 275 -6.83 -15.08 16.79
N ILE A 276 -6.58 -14.68 18.04
CA ILE A 276 -5.47 -15.21 18.84
C ILE A 276 -6.08 -15.91 20.06
N LYS A 277 -5.54 -17.08 20.38
CA LYS A 277 -5.81 -17.77 21.65
C LYS A 277 -4.51 -17.86 22.41
N TRP A 278 -4.59 -17.75 23.73
CA TRP A 278 -3.42 -17.90 24.58
C TRP A 278 -3.41 -19.29 25.22
N THR A 279 -2.29 -19.99 25.09
CA THR A 279 -2.09 -21.30 25.69
C THR A 279 -2.04 -21.20 27.22
N ASP A 280 -2.32 -22.32 27.89
CA ASP A 280 -2.18 -22.43 29.35
C ASP A 280 -0.77 -22.07 29.81
N ASP A 281 0.22 -22.39 28.99
CA ASP A 281 1.60 -22.08 29.34
C ASP A 281 2.11 -20.73 28.80
N GLY A 282 1.18 -19.88 28.33
CA GLY A 282 1.48 -18.47 28.08
C GLY A 282 2.12 -18.13 26.74
N TRP A 283 1.59 -18.74 25.69
CA TRP A 283 2.00 -18.41 24.32
C TRP A 283 0.78 -18.11 23.46
N PRO A 284 0.92 -17.19 22.49
CA PRO A 284 -0.18 -16.90 21.55
C PRO A 284 -0.23 -17.89 20.37
N ILE A 285 -1.45 -18.30 20.01
CA ILE A 285 -1.73 -19.17 18.85
C ILE A 285 -2.55 -18.31 17.89
N ILE A 286 -2.08 -18.11 16.65
CA ILE A 286 -2.86 -17.34 15.66
C ILE A 286 -3.67 -18.25 14.75
N GLY A 287 -4.96 -17.92 14.58
CA GLY A 287 -5.84 -18.58 13.62
C GLY A 287 -6.09 -20.02 13.99
N TYR A 288 -6.19 -20.88 12.97
CA TYR A 288 -6.40 -22.31 13.17
C TYR A 288 -5.06 -23.01 13.32
N ASN A 289 -4.52 -22.95 14.53
CA ASN A 289 -3.20 -23.52 14.83
C ASN A 289 -2.10 -23.08 13.83
N GLY A 290 -2.04 -21.77 13.54
CA GLY A 290 -0.96 -21.23 12.70
C GLY A 290 -1.28 -21.13 11.22
N ARG A 291 -2.51 -21.47 10.86
CA ARG A 291 -3.02 -21.29 9.50
C ARG A 291 -4.31 -20.49 9.51
N ILE A 292 -4.55 -19.78 8.42
CA ILE A 292 -5.72 -18.92 8.33
C ILE A 292 -6.46 -19.21 7.03
N ASP A 293 -7.68 -18.72 6.91
CA ASP A 293 -8.49 -18.98 5.72
C ASP A 293 -9.13 -17.75 5.15
N ILE A 294 -9.65 -17.90 3.94
CA ILE A 294 -10.44 -16.86 3.29
C ILE A 294 -11.73 -16.63 4.11
N LYS A 295 -12.46 -17.68 4.45
CA LYS A 295 -13.64 -17.52 5.34
C LYS A 295 -13.26 -17.86 6.78
N MET A 296 -13.53 -16.93 7.69
CA MET A 296 -13.12 -17.09 9.09
C MET A 296 -14.27 -16.88 10.06
N ASP A 297 -14.14 -17.49 11.23
CA ASP A 297 -15.12 -17.30 12.29
C ASP A 297 -14.92 -15.94 12.95
N ALA A 298 -15.99 -15.17 13.01
CA ALA A 298 -15.93 -13.80 13.53
C ALA A 298 -15.98 -13.70 15.06
N GLY A 299 -16.09 -14.85 15.74
CA GLY A 299 -16.21 -14.89 17.20
C GLY A 299 -17.36 -14.00 17.62
N TYR A 300 -17.12 -13.11 18.57
CA TYR A 300 -18.16 -12.15 19.00
C TYR A 300 -18.07 -10.76 18.36
N LEU A 301 -17.21 -10.60 17.34
CA LEU A 301 -17.11 -9.31 16.65
C LEU A 301 -18.43 -9.01 15.95
N PRO A 302 -18.95 -7.77 16.10
CA PRO A 302 -20.23 -7.43 15.45
C PRO A 302 -20.13 -7.30 13.92
N VAL A 303 -20.68 -8.27 13.22
CA VAL A 303 -20.63 -8.31 11.74
C VAL A 303 -21.61 -7.32 11.10
N LYS A 304 -21.20 -6.77 9.96
CA LYS A 304 -22.05 -5.88 9.14
C LYS A 304 -22.32 -6.52 7.78
N GLU A 311 -19.30 -0.81 -3.02
CA GLU A 311 -17.91 -0.44 -3.30
C GLU A 311 -17.76 0.29 -4.67
N ILE A 312 -18.88 0.72 -5.26
CA ILE A 312 -18.90 1.50 -6.53
C ILE A 312 -18.40 2.92 -6.26
N ILE A 313 -17.30 3.29 -6.91
CA ILE A 313 -16.69 4.62 -6.71
C ILE A 313 -16.77 5.43 -8.01
N GLU A 314 -17.39 6.59 -7.94
CA GLU A 314 -17.62 7.45 -9.11
C GLU A 314 -17.18 8.84 -8.78
N ASP A 315 -16.20 9.36 -9.50
CA ASP A 315 -15.68 10.69 -9.22
C ASP A 315 -15.94 11.53 -10.47
N ASP A 316 -16.82 12.53 -10.35
CA ASP A 316 -17.10 13.36 -11.53
C ASP A 316 -16.29 14.66 -11.56
N PHE A 317 -15.35 14.79 -10.60
CA PHE A 317 -14.42 15.91 -10.50
C PHE A 317 -15.13 17.25 -10.28
N ASN A 318 -16.32 17.20 -9.69
CA ASN A 318 -17.06 18.41 -9.30
C ASN A 318 -16.38 19.17 -8.16
N SER A 319 -15.74 18.44 -7.25
CA SER A 319 -15.06 19.05 -6.11
C SER A 319 -13.71 19.62 -6.51
N ASP A 320 -13.29 20.71 -5.86
CA ASP A 320 -11.94 21.26 -6.06
C ASP A 320 -10.86 20.65 -5.12
N ILE A 321 -11.25 19.62 -4.36
CA ILE A 321 -10.34 18.83 -3.52
C ILE A 321 -10.31 17.41 -4.08
N PHE A 322 -9.12 16.84 -4.25
CA PHE A 322 -9.01 15.44 -4.67
C PHE A 322 -9.55 14.50 -3.61
N SER A 323 -10.22 13.46 -4.06
CA SER A 323 -10.72 12.44 -3.16
C SER A 323 -9.54 11.66 -2.56
N THR A 324 -9.81 10.93 -1.48
CA THR A 324 -8.78 10.12 -0.80
C THR A 324 -8.41 8.84 -1.55
N ASP A 325 -9.10 8.59 -2.67
CA ASP A 325 -8.78 7.43 -3.50
CA ASP A 325 -8.82 7.47 -3.53
C ASP A 325 -7.53 7.66 -4.33
N TRP A 326 -7.23 8.92 -4.62
CA TRP A 326 -6.16 9.24 -5.56
C TRP A 326 -4.77 9.28 -4.97
N ASN A 327 -3.82 8.71 -5.71
CA ASN A 327 -2.40 8.88 -5.40
C ASN A 327 -1.65 9.32 -6.65
N PHE A 328 -0.50 9.93 -6.40
CA PHE A 328 0.42 10.35 -7.46
C PHE A 328 1.69 9.50 -7.34
N ILE A 329 2.47 9.49 -8.41
CA ILE A 329 3.79 8.86 -8.43
C ILE A 329 4.80 9.90 -7.94
N GLN A 330 5.32 9.64 -6.74
CA GLN A 330 6.13 10.60 -5.97
C GLN A 330 5.34 11.90 -5.67
N ASN A 331 6.06 12.96 -5.27
CA ASN A 331 5.44 14.26 -5.01
C ASN A 331 4.92 14.83 -6.32
N PRO A 332 3.62 15.16 -6.36
CA PRO A 332 3.07 15.72 -7.59
C PRO A 332 3.64 17.11 -7.89
N ARG A 333 3.84 17.37 -9.17
CA ARG A 333 4.10 18.72 -9.64
C ARG A 333 2.73 19.38 -9.73
N LEU A 334 2.40 20.13 -8.67
CA LEU A 334 1.04 20.63 -8.43
C LEU A 334 0.46 21.46 -9.58
N GLU A 335 1.33 22.20 -10.27
CA GLU A 335 0.94 23.07 -11.36
C GLU A 335 0.46 22.31 -12.58
N HIS A 336 0.72 20.99 -12.60
CA HIS A 336 0.33 20.15 -13.74
C HIS A 336 -1.03 19.45 -13.60
N TYR A 337 -1.73 19.71 -12.50
CA TYR A 337 -3.08 19.16 -12.24
C TYR A 337 -3.93 20.33 -11.80
N SER A 338 -5.16 20.38 -12.30
CA SER A 338 -6.09 21.43 -11.89
C SER A 338 -7.53 20.97 -11.94
N LEU A 339 -8.23 21.20 -10.84
CA LEU A 339 -9.67 21.02 -10.78
C LEU A 339 -10.42 22.33 -11.00
N LYS A 340 -9.67 23.43 -11.11
CA LYS A 340 -10.25 24.77 -11.24
C LYS A 340 -10.17 25.38 -12.64
N GLY A 341 -9.15 25.01 -13.42
CA GLY A 341 -8.95 25.50 -14.80
C GLY A 341 -10.17 25.34 -15.70
N ARG A 342 -10.70 24.12 -15.76
CA ARG A 342 -12.02 23.87 -16.31
C ARG A 342 -12.85 23.23 -15.20
N PRO A 343 -13.70 24.03 -14.54
CA PRO A 343 -14.50 23.51 -13.41
C PRO A 343 -15.33 22.29 -13.85
N SER A 344 -15.37 21.28 -12.97
CA SER A 344 -16.06 19.97 -13.20
CA SER A 344 -16.06 19.98 -13.19
C SER A 344 -15.23 18.95 -14.00
N TRP A 345 -13.99 19.29 -14.35
CA TRP A 345 -13.09 18.35 -15.04
C TRP A 345 -11.77 18.37 -14.32
N LEU A 346 -10.99 17.29 -14.49
CA LEU A 346 -9.60 17.31 -14.09
C LEU A 346 -8.74 17.64 -15.30
N LYS A 347 -8.03 18.77 -15.23
CA LYS A 347 -7.07 19.12 -16.27
C LYS A 347 -5.69 18.63 -15.89
N MET A 348 -5.05 17.91 -16.81
CA MET A 348 -3.69 17.45 -16.60
C MET A 348 -2.78 17.94 -17.73
N ARG A 349 -1.57 18.36 -17.37
CA ARG A 349 -0.54 18.81 -18.33
C ARG A 349 0.60 17.81 -18.34
N GLY A 350 0.73 17.08 -19.44
CA GLY A 350 1.84 16.13 -19.62
C GLY A 350 3.18 16.84 -19.74
N THR A 351 4.20 16.24 -19.17
CA THR A 351 5.59 16.73 -19.29
C THR A 351 6.39 15.80 -20.21
N GLU A 352 7.71 16.04 -20.31
CA GLU A 352 8.62 15.16 -21.04
C GLU A 352 8.60 13.72 -20.49
N LYS A 353 8.28 13.60 -19.21
CA LYS A 353 8.28 12.31 -18.53
C LYS A 353 7.11 11.45 -18.97
N THR A 354 7.39 10.16 -19.12
CA THR A 354 6.39 9.17 -19.52
C THR A 354 6.18 8.22 -18.35
N LEU A 355 5.27 7.25 -18.54
CA LEU A 355 5.07 6.17 -17.56
C LEU A 355 6.27 5.24 -17.41
N ASN A 356 7.21 5.33 -18.35
CA ASN A 356 8.48 4.58 -18.27
C ASN A 356 9.52 5.26 -17.37
N ASP A 357 9.22 6.47 -16.89
CA ASP A 357 10.16 7.27 -16.10
C ASP A 357 9.79 7.23 -14.62
N ILE A 358 10.77 7.09 -13.74
CA ILE A 358 10.46 7.06 -12.29
C ILE A 358 10.09 8.43 -11.69
N ASN A 359 10.65 9.51 -12.23
CA ASN A 359 10.55 10.82 -11.57
C ASN A 359 9.40 11.69 -12.04
N SER A 360 8.44 11.83 -11.13
CA SER A 360 7.03 12.30 -11.32
C SER A 360 6.52 12.59 -12.76
N PRO A 361 6.11 11.52 -13.44
CA PRO A 361 5.26 11.69 -14.61
C PRO A 361 3.90 12.27 -14.21
N THR A 362 3.21 12.92 -15.14
CA THR A 362 1.86 13.41 -14.89
C THR A 362 0.87 12.24 -14.88
N PHE A 363 0.42 11.89 -13.67
CA PHE A 363 -0.34 10.67 -13.40
C PHE A 363 -1.08 10.85 -12.09
N ILE A 364 -2.31 10.38 -12.06
CA ILE A 364 -3.08 10.26 -10.83
C ILE A 364 -3.79 8.92 -10.90
N GLY A 365 -3.75 8.15 -9.82
CA GLY A 365 -4.22 6.77 -9.91
C GLY A 365 -4.81 6.25 -8.63
N ARG A 366 -5.53 5.14 -8.74
CA ARG A 366 -6.14 4.49 -7.56
C ARG A 366 -5.90 2.99 -7.63
N ARG A 367 -5.81 2.35 -6.47
CA ARG A 367 -5.51 0.91 -6.42
C ARG A 367 -6.54 0.01 -7.07
N GLN A 368 -6.07 -1.04 -7.74
CA GLN A 368 -6.96 -2.13 -8.12
C GLN A 368 -7.24 -2.94 -6.85
N GLU A 369 -8.51 -3.00 -6.46
CA GLU A 369 -8.88 -3.63 -5.17
C GLU A 369 -9.73 -4.88 -5.34
N HIS A 370 -9.94 -5.28 -6.60
CA HIS A 370 -10.76 -6.44 -6.95
C HIS A 370 -10.20 -7.12 -8.17
N PHE A 371 -10.23 -8.46 -8.19
CA PHE A 371 -9.85 -9.19 -9.40
C PHE A 371 -10.78 -8.87 -10.56
N VAL A 372 -12.07 -8.76 -10.28
CA VAL A 372 -13.07 -8.49 -11.32
C VAL A 372 -13.66 -7.12 -11.09
N CYS A 373 -13.45 -6.23 -12.05
CA CYS A 373 -13.95 -4.85 -11.95
C CYS A 373 -13.96 -4.20 -13.33
N ASN A 374 -14.71 -3.11 -13.46
CA ASN A 374 -14.69 -2.32 -14.68
C ASN A 374 -14.29 -0.91 -14.35
N VAL A 375 -13.30 -0.40 -15.07
CA VAL A 375 -12.77 0.95 -14.79
C VAL A 375 -12.90 1.79 -16.04
N SER A 376 -13.35 3.03 -15.89
CA SER A 376 -13.56 3.88 -17.06
C SER A 376 -13.35 5.36 -16.78
N THR A 377 -13.12 6.10 -17.87
CA THR A 377 -12.93 7.54 -17.79
C THR A 377 -13.32 8.16 -19.13
N LEU A 378 -13.67 9.44 -19.11
CA LEU A 378 -13.89 10.19 -20.35
C LEU A 378 -12.81 11.24 -20.46
N LEU A 379 -12.13 11.24 -21.60
CA LEU A 379 -11.05 12.19 -21.88
C LEU A 379 -11.41 13.10 -23.05
N GLU A 380 -11.17 14.39 -22.88
CA GLU A 380 -11.09 15.32 -24.03
C GLU A 380 -9.61 15.62 -24.27
N PHE A 381 -9.14 15.34 -25.48
CA PHE A 381 -7.73 15.51 -25.82
C PHE A 381 -7.59 15.73 -27.30
N LYS A 382 -6.96 16.85 -27.66
CA LYS A 382 -6.72 17.19 -29.07
C LYS A 382 -5.20 17.40 -29.22
N PRO A 383 -4.44 16.31 -29.39
CA PRO A 383 -2.97 16.50 -29.46
C PRO A 383 -2.54 17.37 -30.66
N ASN A 384 -1.59 18.26 -30.41
CA ASN A 384 -1.05 19.17 -31.44
C ASN A 384 0.07 18.52 -32.26
N GLN A 385 0.79 17.60 -31.63
CA GLN A 385 2.00 16.95 -32.19
C GLN A 385 2.01 15.43 -31.96
N ASP A 386 2.82 14.74 -32.77
CA ASP A 386 2.94 13.28 -32.75
C ASP A 386 3.38 12.62 -31.42
N ASN A 387 4.13 13.34 -30.61
CA ASN A 387 4.61 12.76 -29.35
C ASN A 387 3.54 12.82 -28.24
N GLU A 388 2.44 13.50 -28.49
CA GLU A 388 1.55 13.90 -27.40
C GLU A 388 0.51 12.82 -27.14
N GLU A 389 0.27 12.51 -25.86
CA GLU A 389 -0.48 11.32 -25.50
C GLU A 389 -1.15 11.48 -24.14
N ALA A 390 -2.41 11.04 -24.03
CA ALA A 390 -3.10 11.01 -22.72
C ALA A 390 -4.05 9.84 -22.69
N GLY A 391 -4.26 9.23 -21.53
CA GLY A 391 -5.13 8.07 -21.49
C GLY A 391 -5.28 7.45 -20.12
N LEU A 392 -5.64 6.17 -20.16
CA LEU A 392 -5.92 5.35 -19.00
C LEU A 392 -4.91 4.22 -18.94
N THR A 393 -4.26 4.07 -17.78
CA THR A 393 -3.21 3.05 -17.58
C THR A 393 -3.56 2.04 -16.50
N VAL A 394 -3.11 0.80 -16.73
CA VAL A 394 -3.05 -0.24 -15.71
C VAL A 394 -1.56 -0.32 -15.36
N TYR A 395 -1.19 0.07 -14.14
CA TYR A 395 0.22 0.45 -13.86
C TYR A 395 0.74 -0.32 -12.66
N MET A 396 1.86 -1.02 -12.83
CA MET A 396 2.52 -1.64 -11.67
C MET A 396 3.79 -0.86 -11.32
N ASN A 397 4.67 -0.66 -12.30
CA ASN A 397 5.82 0.20 -12.11
C ASN A 397 6.33 0.70 -13.46
N GLU A 398 7.48 1.37 -13.44
CA GLU A 398 7.93 2.07 -14.65
C GLU A 398 8.26 1.13 -15.84
N LYS A 399 8.52 -0.15 -15.55
CA LYS A 399 8.77 -1.13 -16.61
C LYS A 399 7.62 -2.08 -16.88
N HIS A 400 6.49 -1.88 -16.19
CA HIS A 400 5.35 -2.82 -16.26
C HIS A 400 4.04 -2.08 -16.18
N HIS A 401 3.48 -1.71 -17.35
CA HIS A 401 2.21 -0.98 -17.43
C HIS A 401 1.60 -1.12 -18.83
N TYR A 402 0.28 -1.08 -18.87
CA TYR A 402 -0.48 -1.08 -20.12
C TYR A 402 -1.29 0.20 -20.17
N GLU A 403 -1.52 0.71 -21.37
CA GLU A 403 -2.30 1.94 -21.46
C GLU A 403 -3.08 2.01 -22.75
N ILE A 404 -4.28 2.55 -22.62
CA ILE A 404 -5.12 2.89 -23.79
C ILE A 404 -5.18 4.42 -23.83
N ALA A 405 -4.90 5.02 -24.98
CA ALA A 405 -4.63 6.45 -25.03
C ALA A 405 -5.00 7.05 -26.38
N LEU A 406 -5.20 8.36 -26.39
CA LEU A 406 -5.26 9.15 -27.63
C LEU A 406 -3.90 9.75 -27.90
N THR A 407 -3.50 9.72 -29.17
CA THR A 407 -2.21 10.29 -29.57
C THR A 407 -2.31 10.70 -31.03
N LYS A 408 -1.21 11.18 -31.58
CA LYS A 408 -1.16 11.60 -32.98
C LYS A 408 0.01 10.87 -33.65
N LYS A 409 -0.22 10.38 -34.86
CA LYS A 409 0.81 9.76 -35.69
C LYS A 409 0.66 10.26 -37.12
N ASN A 410 1.74 10.84 -37.64
CA ASN A 410 1.79 11.48 -38.97
C ASN A 410 0.58 12.38 -39.20
N GLY A 411 0.33 13.27 -38.24
CA GLY A 411 -0.81 14.18 -38.25
C GLY A 411 -2.20 13.56 -38.30
N ARG A 412 -2.34 12.32 -37.81
CA ARG A 412 -3.67 11.72 -37.65
C ARG A 412 -3.89 11.31 -36.20
N ILE A 413 -5.06 11.64 -35.64
CA ILE A 413 -5.40 11.22 -34.27
C ILE A 413 -5.70 9.73 -34.25
N ASN A 414 -5.05 9.00 -33.33
CA ASN A 414 -5.25 7.56 -33.20
C ASN A 414 -5.52 7.21 -31.76
N VAL A 415 -6.37 6.20 -31.56
CA VAL A 415 -6.45 5.54 -30.26
C VAL A 415 -5.51 4.33 -30.31
N VAL A 416 -4.69 4.18 -29.26
CA VAL A 416 -3.66 3.15 -29.20
C VAL A 416 -3.78 2.34 -27.92
N LEU A 417 -3.40 1.06 -28.04
CA LEU A 417 -3.11 0.19 -26.89
C LEU A 417 -1.59 -0.01 -26.90
N LYS A 418 -0.95 0.38 -25.81
CA LYS A 418 0.50 0.34 -25.67
C LYS A 418 0.86 -0.45 -24.42
N LYS A 419 2.02 -1.11 -24.46
CA LYS A 419 2.47 -1.91 -23.30
C LYS A 419 3.96 -1.71 -23.10
N THR A 420 4.37 -1.62 -21.83
CA THR A 420 5.77 -1.77 -21.46
C THR A 420 5.82 -2.97 -20.52
N VAL A 421 6.61 -3.98 -20.89
CA VAL A 421 6.85 -5.17 -20.02
C VAL A 421 8.36 -5.44 -20.05
N GLY A 422 9.02 -5.11 -18.95
CA GLY A 422 10.50 -5.19 -18.87
C GLY A 422 11.12 -4.25 -19.89
N ASP A 423 11.90 -4.80 -20.81
CA ASP A 423 12.49 -4.01 -21.91
C ASP A 423 11.60 -3.89 -23.15
N ILE A 424 10.43 -4.53 -23.14
CA ILE A 424 9.56 -4.53 -24.33
C ILE A 424 8.66 -3.29 -24.27
N GLN A 425 8.71 -2.46 -25.30
CA GLN A 425 7.77 -1.33 -25.44
C GLN A 425 7.13 -1.48 -26.81
N VAL A 426 5.82 -1.73 -26.79
CA VAL A 426 5.10 -2.14 -28.00
C VAL A 426 3.79 -1.38 -28.17
N VAL A 427 3.48 -1.00 -29.41
CA VAL A 427 2.15 -0.53 -29.74
C VAL A 427 1.39 -1.74 -30.31
N VAL A 428 0.40 -2.21 -29.55
CA VAL A 428 -0.31 -3.47 -29.84
C VAL A 428 -1.37 -3.25 -30.93
N ASN A 429 -2.10 -2.14 -30.83
CA ASN A 429 -3.13 -1.84 -31.82
C ASN A 429 -3.26 -0.34 -31.90
N SER A 430 -3.70 0.13 -33.07
CA SER A 430 -3.82 1.56 -33.34
C SER A 430 -4.93 1.76 -34.37
N LEU A 431 -5.86 2.66 -34.07
CA LEU A 431 -7.00 2.96 -34.95
C LEU A 431 -7.20 4.45 -35.04
N GLU A 432 -7.48 4.95 -36.23
CA GLU A 432 -7.82 6.35 -36.39
C GLU A 432 -9.10 6.70 -35.63
N TYR A 433 -9.10 7.86 -35.02
CA TYR A 433 -10.20 8.31 -34.20
C TYR A 433 -10.55 9.75 -34.59
N PHE A 434 -11.84 10.03 -34.62
CA PHE A 434 -12.36 11.27 -35.23
C PHE A 434 -13.16 12.20 -34.31
N SER A 435 -13.13 11.99 -33.00
CA SER A 435 -13.94 12.81 -32.07
C SER A 435 -13.04 13.51 -31.05
N ASN A 436 -13.54 14.60 -30.46
CA ASN A 436 -12.76 15.37 -29.49
C ASN A 436 -12.67 14.68 -28.15
N THR A 437 -13.72 13.93 -27.79
CA THR A 437 -13.75 13.13 -26.56
C THR A 437 -13.81 11.64 -26.84
N ILE A 438 -13.40 10.86 -25.85
CA ILE A 438 -13.40 9.40 -25.93
C ILE A 438 -13.65 8.87 -24.52
N ILE A 439 -14.33 7.73 -24.43
CA ILE A 439 -14.40 7.02 -23.17
C ILE A 439 -13.47 5.82 -23.29
N PHE A 440 -12.60 5.65 -22.29
CA PHE A 440 -11.82 4.42 -22.17
C PHE A 440 -12.45 3.55 -21.11
N SER A 441 -12.52 2.24 -21.38
CA SER A 441 -13.18 1.28 -20.49
C SER A 441 -12.30 0.03 -20.38
N ILE A 442 -11.97 -0.39 -19.16
CA ILE A 442 -11.16 -1.61 -18.98
C ILE A 442 -11.94 -2.58 -18.12
N GLN A 443 -12.11 -3.79 -18.65
CA GLN A 443 -12.73 -4.84 -17.88
C GLN A 443 -11.59 -5.73 -17.38
N ALA A 444 -11.49 -5.85 -16.07
CA ALA A 444 -10.48 -6.74 -15.45
C ALA A 444 -11.13 -8.04 -15.00
N ASN A 445 -10.42 -9.13 -15.23
CA ASN A 445 -10.75 -10.39 -14.59
C ASN A 445 -9.42 -10.97 -14.08
N PRO A 446 -9.47 -12.11 -13.36
CA PRO A 446 -8.20 -12.59 -12.79
C PRO A 446 -7.05 -12.77 -13.76
N GLU A 447 -7.33 -13.15 -15.02
CA GLU A 447 -6.33 -13.54 -16.03
CA GLU A 447 -6.24 -13.48 -15.92
C GLU A 447 -5.92 -12.42 -16.98
N GLU A 448 -6.83 -11.48 -17.21
CA GLU A 448 -6.60 -10.45 -18.26
C GLU A 448 -7.38 -9.17 -18.08
N TYR A 449 -6.87 -8.12 -18.71
CA TYR A 449 -7.57 -6.85 -18.85
C TYR A 449 -8.02 -6.76 -20.30
N LYS A 450 -9.27 -6.32 -20.51
CA LYS A 450 -9.79 -6.07 -21.85
C LYS A 450 -9.98 -4.57 -22.02
N PHE A 451 -9.34 -4.01 -23.06
CA PHE A 451 -9.29 -2.56 -23.30
C PHE A 451 -10.25 -2.18 -24.40
N SER A 452 -11.24 -1.36 -24.06
CA SER A 452 -12.21 -0.89 -25.04
C SER A 452 -12.25 0.62 -25.06
N PHE A 453 -12.75 1.18 -26.17
CA PHE A 453 -13.09 2.61 -26.17
C PHE A 453 -14.51 2.81 -26.70
N VAL A 454 -15.13 3.90 -26.26
CA VAL A 454 -16.51 4.25 -26.65
C VAL A 454 -16.47 5.64 -27.26
N ASP A 455 -17.10 5.78 -28.43
CA ASP A 455 -17.34 7.08 -29.04
C ASP A 455 -18.52 7.68 -28.27
N PRO A 456 -18.29 8.73 -27.43
CA PRO A 456 -19.35 9.14 -26.50
C PRO A 456 -20.71 9.51 -27.10
N ASN A 457 -20.72 10.24 -28.22
CA ASN A 457 -22.00 10.72 -28.80
C ASN A 457 -22.84 9.62 -29.40
N THR A 458 -22.20 8.57 -29.90
CA THR A 458 -22.90 7.43 -30.51
C THR A 458 -23.08 6.29 -29.51
N GLY A 459 -22.17 6.23 -28.52
CA GLY A 459 -22.19 5.14 -27.55
C GLY A 459 -21.62 3.84 -28.10
N GLN A 460 -21.05 3.88 -29.30
CA GLN A 460 -20.50 2.67 -29.94
C GLN A 460 -19.21 2.23 -29.27
N THR A 461 -19.11 0.95 -28.95
CA THR A 461 -17.95 0.40 -28.22
C THR A 461 -17.06 -0.45 -29.13
N TYR A 462 -15.75 -0.39 -28.89
CA TYR A 462 -14.78 -1.04 -29.76
C TYR A 462 -13.72 -1.71 -28.87
N LEU A 463 -13.54 -3.03 -29.04
CA LEU A 463 -12.53 -3.75 -28.28
C LEU A 463 -11.17 -3.57 -28.95
N LEU A 464 -10.27 -2.85 -28.30
CA LEU A 464 -8.95 -2.52 -28.90
C LEU A 464 -7.92 -3.63 -28.72
N GLY A 465 -8.01 -4.31 -27.58
CA GLY A 465 -7.11 -5.43 -27.32
C GLY A 465 -7.19 -5.87 -25.87
N THR A 466 -6.27 -6.76 -25.50
CA THR A 466 -6.28 -7.36 -24.17
C THR A 466 -4.84 -7.44 -23.67
N GLY A 467 -4.70 -7.71 -22.38
CA GLY A 467 -3.35 -7.87 -21.81
C GLY A 467 -3.40 -8.74 -20.55
N LEU A 468 -2.36 -9.51 -20.33
CA LEU A 468 -2.33 -10.47 -19.22
C LEU A 468 -2.04 -9.80 -17.88
N THR A 469 -2.77 -10.22 -16.84
CA THR A 469 -2.49 -9.73 -15.49
C THR A 469 -1.11 -10.21 -15.03
N THR A 470 -0.72 -11.41 -15.42
CA THR A 470 0.52 -11.98 -14.85
C THR A 470 1.80 -11.22 -15.28
N LEU A 471 1.77 -10.53 -16.42
CA LEU A 471 2.92 -9.72 -16.85
C LEU A 471 3.05 -8.42 -16.05
N LEU A 472 2.04 -8.11 -15.25
CA LEU A 472 2.10 -6.98 -14.32
C LEU A 472 2.33 -7.41 -12.87
N SER A 473 2.34 -8.71 -12.61
CA SER A 473 2.48 -9.19 -11.23
C SER A 473 3.80 -8.74 -10.58
N THR A 474 3.78 -8.67 -9.25
CA THR A 474 4.96 -8.36 -8.49
C THR A 474 6.13 -9.27 -8.82
N GLU A 475 5.86 -10.58 -8.95
CA GLU A 475 6.89 -11.58 -9.26
C GLU A 475 7.63 -11.22 -10.54
N VAL A 476 6.90 -10.73 -11.55
CA VAL A 476 7.47 -10.31 -12.85
C VAL A 476 8.11 -8.92 -12.77
N ALA A 477 7.40 -7.98 -12.15
CA ALA A 477 7.74 -6.55 -12.19
C ALA A 477 8.79 -6.08 -11.21
N GLY A 478 8.87 -6.75 -10.06
CA GLY A 478 9.75 -6.29 -8.98
C GLY A 478 9.00 -5.36 -8.03
N GLY A 479 9.65 -4.99 -6.94
CA GLY A 479 9.07 -4.07 -5.97
C GLY A 479 8.06 -4.70 -5.01
N PHE A 480 7.26 -3.85 -4.38
CA PHE A 480 6.49 -4.21 -3.19
C PHE A 480 5.05 -3.74 -3.20
N THR A 481 4.49 -3.57 -4.39
CA THR A 481 3.22 -2.88 -4.55
C THR A 481 2.20 -3.67 -5.37
N GLY A 482 1.03 -3.05 -5.58
CA GLY A 482 -0.06 -3.66 -6.37
C GLY A 482 -0.39 -2.76 -7.56
N VAL A 483 -1.21 -3.29 -8.48
CA VAL A 483 -1.62 -2.53 -9.69
C VAL A 483 -2.48 -1.33 -9.30
N TYR A 484 -2.26 -0.22 -10.02
CA TYR A 484 -3.09 0.97 -9.94
C TYR A 484 -3.75 1.19 -11.30
N PHE A 485 -4.96 1.76 -11.28
CA PHE A 485 -5.55 2.30 -12.50
C PHE A 485 -5.33 3.81 -12.49
N GLY A 486 -4.78 4.36 -13.57
CA GLY A 486 -4.39 5.77 -13.54
C GLY A 486 -4.76 6.54 -14.77
N LEU A 487 -4.96 7.84 -14.58
CA LEU A 487 -5.09 8.81 -15.68
C LEU A 487 -3.75 9.48 -15.85
N TYR A 488 -3.33 9.71 -17.10
CA TYR A 488 -1.97 10.24 -17.32
C TYR A 488 -1.93 11.05 -18.61
N ALA A 489 -0.89 11.85 -18.74
CA ALA A 489 -0.61 12.56 -19.99
C ALA A 489 0.89 12.68 -20.10
N THR A 490 1.38 12.73 -21.34
CA THR A 490 2.81 12.87 -21.56
C THR A 490 3.07 13.46 -22.94
N GLY A 491 4.26 14.04 -23.08
CA GLY A 491 4.76 14.52 -24.38
C GLY A 491 5.89 13.65 -24.91
N ASN A 492 6.16 12.53 -24.23
CA ASN A 492 7.12 11.53 -24.73
C ASN A 492 8.47 12.14 -25.12
N GLY A 493 9.13 12.79 -24.16
CA GLY A 493 10.43 13.42 -24.37
C GLY A 493 10.39 14.93 -24.54
N LYS A 494 9.19 15.48 -24.80
CA LYS A 494 8.97 16.93 -24.88
C LYS A 494 7.82 17.29 -23.95
N VAL A 495 7.72 18.56 -23.54
CA VAL A 495 6.51 19.00 -22.83
C VAL A 495 5.31 18.85 -23.78
N CYS A 496 4.22 18.31 -23.26
CA CYS A 496 2.98 18.23 -24.00
C CYS A 496 2.34 19.61 -24.15
N THR A 497 2.04 20.00 -25.38
CA THR A 497 1.50 21.35 -25.67
C THR A 497 -0.03 21.38 -25.70
N ALA A 498 -0.66 20.24 -25.49
CA ALA A 498 -2.11 20.12 -25.44
C ALA A 498 -2.58 19.68 -24.06
N PRO A 499 -3.57 20.38 -23.47
CA PRO A 499 -4.10 19.94 -22.18
C PRO A 499 -4.93 18.68 -22.31
N ALA A 500 -4.95 17.88 -21.25
CA ALA A 500 -5.82 16.69 -21.18
C ALA A 500 -6.92 16.96 -20.16
N PHE A 501 -8.18 16.75 -20.55
CA PHE A 501 -9.27 16.98 -19.63
C PHE A 501 -10.00 15.70 -19.36
N PHE A 502 -10.04 15.26 -18.11
CA PHE A 502 -10.80 14.06 -17.75
C PHE A 502 -12.10 14.46 -17.05
N ASP A 503 -13.24 14.03 -17.59
CA ASP A 503 -14.54 14.47 -17.10
C ASP A 503 -14.95 13.75 -15.81
N TRP A 504 -14.58 12.49 -15.69
CA TRP A 504 -15.00 11.62 -14.60
C TRP A 504 -14.17 10.36 -14.59
N PHE A 505 -14.28 9.61 -13.51
CA PHE A 505 -13.65 8.31 -13.38
C PHE A 505 -14.61 7.38 -12.63
N LYS A 506 -14.80 6.17 -13.14
CA LYS A 506 -15.69 5.18 -12.50
C LYS A 506 -14.94 3.89 -12.24
N TYR A 507 -15.09 3.37 -11.04
CA TYR A 507 -14.52 2.09 -10.62
C TYR A 507 -15.65 1.24 -10.11
N ILE A 508 -15.98 0.19 -10.86
CA ILE A 508 -17.17 -0.62 -10.60
C ILE A 508 -16.75 -2.09 -10.36
N PRO A 509 -16.70 -2.52 -9.09
CA PRO A 509 -16.34 -3.93 -8.84
C PRO A 509 -17.49 -4.86 -9.20
N GLU A 510 -17.18 -6.13 -9.48
CA GLU A 510 -18.21 -7.15 -9.84
C GLU A 510 -19.35 -7.23 -8.82
CA CA B . -17.21 16.10 -14.60
O5 FUB C . 6.76 -3.90 2.78
C5 FUB C . 8.13 -3.53 2.73
C4 FUB C . 8.92 -4.36 3.73
O4 FUB C . 8.64 -5.76 3.47
C3 FUB C . 8.54 -4.13 5.18
O3 FUB C . 9.15 -2.94 5.74
C2 FUB C . 9.00 -5.46 5.76
O2 FUB C . 8.51 -5.78 7.07
C1 FUB C . 8.43 -6.44 4.71
O1 FUB C . 7.03 -6.70 4.91
C1 XYS D . 13.54 -8.16 1.05
C2 XYS D . 12.69 -9.04 2.00
C3 XYS D . 11.66 -8.20 2.74
C4 XYS D . 12.43 -7.15 3.51
C5 XYS D . 13.36 -6.28 2.65
O1 XYS D . 13.12 -8.27 -0.30
O2 XYS D . 12.14 -10.25 1.46
O3 XYS D . 10.82 -8.97 3.62
O4 XYS D . 11.53 -6.30 4.16
O5 XYS D . 13.50 -6.75 1.32
O1 XYP E . -1.94 19.25 13.44
C1 XYP E . -1.26 20.34 12.81
C2 XYP E . 0.20 19.94 12.63
C3 XYP E . 0.96 21.00 11.83
C4 XYP E . 0.25 21.25 10.49
C5 XYP E . -1.21 21.65 10.73
O2 XYP E . 0.83 19.75 13.90
O3 XYP E . 2.30 20.55 11.61
O4 XYP E . 0.95 22.25 9.75
O5 XYP E . -1.89 20.66 11.54
O1 XYP F . -11.03 -6.43 28.09
C1 XYP F . -11.04 -5.19 27.37
C2 XYP F . -11.77 -4.13 28.23
C3 XYP F . -10.85 -3.17 28.98
C4 XYP F . -9.45 -3.73 29.24
C5 XYP F . -8.78 -4.32 27.99
O2 XYP F . -12.58 -3.35 27.35
O3 XYP F . -11.47 -2.82 30.23
O4 XYP F . -8.60 -2.70 29.79
O5 XYP F . -9.71 -4.77 26.98
#